data_2QSC
#
_entry.id   2QSC
#
_cell.length_a   82.912
_cell.length_b   39.858
_cell.length_c   97.960
_cell.angle_alpha   90.00
_cell.angle_beta   108.50
_cell.angle_gamma   90.00
#
_symmetry.space_group_name_H-M   'P 1 2 1'
#
loop_
_entity.id
_entity.type
_entity.pdbx_description
1 polymer 'Fab F425-B4e8, Light chain'
2 polymer 'Fab F425-B4e8, Heavy chain'
3 polymer 'Envelope glycoprotein gp120'
4 branched beta-D-mannopyranose-(1-4)-2-acetamido-2-deoxy-beta-D-glucopyranose-(1-4)-2-acetamido-2-deoxy-beta-D-glucopyranose
5 non-polymer 'ZINC ION'
6 non-polymer 'CHLORIDE ION'
7 water water
#
loop_
_entity_poly.entity_id
_entity_poly.type
_entity_poly.pdbx_seq_one_letter_code
_entity_poly.pdbx_strand_id
1 'polypeptide(L)'
;NSVLTQSPSSLSASVGDRVTITCQASQDISNYLNWYQHKPGKAPKLLIYTASNLETGVPSRFSGGGSGTHFSFTITSLQP
EDAATYFCQQYDNLGDLSFGGGTKVEIKRTVAAPSVFIFPPSDEQLKSGTASVVCLLNNFYPREAKVQWKVDNALQSGNS
QESVTEQDSKDSTYSLSSTLTLSKADYEKHKVYACEVTHQGLSSPVTKSFNRGEC
;
L
2 'polypeptide(L)'
;QVQLVQSGGGLVQPGGSLRLSCAAFGFNFSSYVMHWVRQAPGQGLEYLSAISSDGETTYHANSVKGRFTSSRDNSKNTLF
LQMGSLRTEDVAVYYCARDRYYETSGSNAFDVWGQGTMVVVSSASTKGPSVFPLAPCSRSTSESTAALGCLVKDYFPEPV
TVSWNSGALTSGVHTFPAVLQSSGLYSLSSVVTVPSSNFGTQTYTCNVDHKPSNTKVDKTVE
;
H
3 'polypeptide(L)' RKRIHIGPGRAFYTT P
#
loop_
_chem_comp.id
_chem_comp.type
_chem_comp.name
_chem_comp.formula
BMA D-saccharide, beta linking beta-D-mannopyranose 'C6 H12 O6'
CL non-polymer 'CHLORIDE ION' 'Cl -1'
NAG D-saccharide, beta linking 2-acetamido-2-deoxy-beta-D-glucopyranose 'C8 H15 N O6'
ZN non-polymer 'ZINC ION' 'Zn 2'
#
# COMPACT_ATOMS: atom_id res chain seq x y z
N ASN A 1 8.60 -24.81 -6.94
CA ASN A 1 7.63 -25.93 -7.06
C ASN A 1 6.85 -26.21 -5.76
N SER A 2 6.90 -25.25 -4.82
CA SER A 2 6.12 -25.34 -3.58
C SER A 2 5.04 -24.26 -3.52
N VAL A 3 3.84 -24.61 -3.96
CA VAL A 3 2.70 -23.68 -3.94
C VAL A 3 2.04 -23.68 -2.55
N LEU A 4 1.74 -22.49 -2.05
CA LEU A 4 1.10 -22.34 -0.74
C LEU A 4 -0.31 -21.77 -0.84
N THR A 5 -1.27 -22.46 -0.22
CA THR A 5 -2.65 -22.04 -0.27
C THR A 5 -3.06 -21.48 1.08
N GLN A 6 -3.40 -20.19 1.09
CA GLN A 6 -3.80 -19.52 2.31
C GLN A 6 -5.31 -19.28 2.34
N SER A 7 -5.94 -19.60 3.47
CA SER A 7 -7.38 -19.47 3.63
C SER A 7 -7.74 -19.02 5.05
N PRO A 8 -8.81 -18.21 5.18
CA PRO A 8 -9.59 -17.61 4.09
C PRO A 8 -8.87 -16.40 3.49
N SER A 9 -9.28 -15.95 2.32
CA SER A 9 -8.63 -14.80 1.69
C SER A 9 -9.07 -13.47 2.32
N SER A 10 -10.31 -13.43 2.82
CA SER A 10 -10.86 -12.29 3.54
C SER A 10 -11.31 -12.74 4.92
N LEU A 11 -11.56 -11.79 5.82
CA LEU A 11 -11.87 -12.11 7.21
C LEU A 11 -12.34 -10.87 7.95
N SER A 12 -13.47 -10.96 8.63
CA SER A 12 -13.97 -9.85 9.42
C SER A 12 -14.44 -10.34 10.79
N ALA A 13 -13.83 -9.78 11.85
CA ALA A 13 -14.14 -10.19 13.22
C ALA A 13 -14.01 -9.03 14.21
N SER A 14 -14.73 -9.15 15.34
CA SER A 14 -14.77 -8.10 16.37
C SER A 14 -13.50 -8.06 17.23
N VAL A 15 -13.37 -6.98 17.99
CA VAL A 15 -12.27 -6.87 18.97
C VAL A 15 -12.50 -7.85 20.11
N GLY A 16 -11.43 -8.53 20.51
CA GLY A 16 -11.51 -9.52 21.59
C GLY A 16 -11.83 -10.92 21.10
N ASP A 17 -12.20 -11.04 19.83
CA ASP A 17 -12.53 -12.34 19.24
C ASP A 17 -11.25 -13.07 18.84
N ARG A 18 -11.31 -14.39 18.84
CA ARG A 18 -10.18 -15.22 18.39
C ARG A 18 -10.41 -15.65 16.96
N VAL A 19 -9.35 -15.59 16.16
CA VAL A 19 -9.47 -15.88 14.73
C VAL A 19 -8.23 -16.62 14.23
N THR A 20 -8.42 -17.54 13.28
CA THR A 20 -7.32 -18.40 12.83
C THR A 20 -7.18 -18.48 11.31
N ILE A 21 -5.98 -18.18 10.83
CA ILE A 21 -5.65 -18.30 9.41
C ILE A 21 -4.94 -19.62 9.14
N THR A 22 -5.28 -20.25 8.02
CA THR A 22 -4.69 -21.52 7.62
C THR A 22 -3.82 -21.37 6.38
N CYS A 23 -2.68 -22.04 6.39
CA CYS A 23 -1.82 -22.14 5.22
C CYS A 23 -1.43 -23.59 4.95
N GLN A 24 -1.61 -24.02 3.71
CA GLN A 24 -1.31 -25.40 3.31
C GLN A 24 -0.23 -25.46 2.24
N ALA A 25 0.67 -26.44 2.37
CA ALA A 25 1.79 -26.59 1.46
C ALA A 25 1.63 -27.83 0.59
N SER A 26 2.10 -27.73 -0.66
CA SER A 26 2.00 -28.85 -1.61
C SER A 26 3.06 -29.94 -1.36
N GLN A 27 4.01 -29.65 -0.45
CA GLN A 27 5.08 -30.58 -0.09
C GLN A 27 5.37 -30.50 1.40
N ASP A 28 5.96 -31.56 1.96
CA ASP A 28 6.45 -31.54 3.34
C ASP A 28 7.57 -30.51 3.47
N ILE A 29 7.32 -29.46 4.24
CA ILE A 29 8.30 -28.38 4.43
C ILE A 29 8.72 -28.24 5.91
N SER A 30 8.55 -29.33 6.67
CA SER A 30 8.88 -29.40 8.10
C SER A 30 8.26 -28.27 8.91
N ASN A 31 9.08 -27.33 9.36
CA ASN A 31 8.61 -26.21 10.16
C ASN A 31 9.03 -24.87 9.57
N TYR A 32 9.56 -24.91 8.35
CA TYR A 32 10.13 -23.72 7.73
C TYR A 32 9.05 -22.80 7.13
N LEU A 33 8.13 -22.38 7.98
CA LEU A 33 7.10 -21.42 7.59
C LEU A 33 7.07 -20.25 8.56
N ASN A 34 6.99 -19.04 8.01
CA ASN A 34 6.96 -17.81 8.80
C ASN A 34 5.69 -17.03 8.52
N TRP A 35 5.25 -16.22 9.48
CA TRP A 35 4.02 -15.42 9.33
C TRP A 35 4.30 -13.92 9.44
N TYR A 36 3.77 -13.17 8.48
CA TYR A 36 4.03 -11.73 8.38
C TYR A 36 2.76 -10.87 8.44
N GLN A 37 2.91 -9.67 8.98
CA GLN A 37 1.85 -8.67 9.00
C GLN A 37 2.21 -7.55 8.02
N HIS A 38 1.22 -7.04 7.30
CA HIS A 38 1.43 -5.94 6.37
C HIS A 38 0.26 -4.96 6.38
N LYS A 39 0.55 -3.72 6.74
CA LYS A 39 -0.40 -2.61 6.65
C LYS A 39 -0.03 -1.74 5.45
N PRO A 40 -1.03 -1.15 4.76
CA PRO A 40 -0.79 -0.42 3.51
C PRO A 40 0.25 0.68 3.63
N GLY A 41 1.18 0.71 2.66
CA GLY A 41 2.23 1.73 2.62
C GLY A 41 3.38 1.47 3.59
N LYS A 42 3.10 0.66 4.61
CA LYS A 42 4.10 0.30 5.60
C LYS A 42 4.99 -0.85 5.15
N ALA A 43 6.07 -1.08 5.90
CA ALA A 43 6.95 -2.21 5.66
C ALA A 43 6.37 -3.46 6.32
N PRO A 44 6.38 -4.60 5.60
CA PRO A 44 5.95 -5.87 6.20
C PRO A 44 6.72 -6.20 7.47
N LYS A 45 6.06 -6.89 8.39
CA LYS A 45 6.60 -7.13 9.72
C LYS A 45 6.51 -8.61 10.10
N LEU A 46 7.64 -9.19 10.49
CA LEU A 46 7.70 -10.60 10.91
C LEU A 46 7.13 -10.80 12.31
N LEU A 47 6.15 -11.71 12.41
CA LEU A 47 5.51 -12.00 13.68
C LEU A 47 5.98 -13.35 14.25
N ILE A 48 5.79 -14.40 13.46
CA ILE A 48 6.13 -15.76 13.88
C ILE A 48 7.12 -16.39 12.91
N TYR A 49 8.20 -16.94 13.46
CA TYR A 49 9.18 -17.66 12.66
C TYR A 49 9.17 -19.14 12.97
N THR A 50 9.29 -19.95 11.93
CA THR A 50 9.35 -21.41 12.04
C THR A 50 8.17 -22.00 12.81
N ALA A 51 7.00 -21.89 12.20
CA ALA A 51 5.73 -22.43 12.71
C ALA A 51 5.18 -21.77 13.96
N SER A 52 5.91 -21.80 15.06
CA SER A 52 5.35 -21.48 16.38
C SER A 52 6.03 -20.36 17.17
N ASN A 53 7.26 -20.00 16.79
CA ASN A 53 8.07 -19.07 17.58
C ASN A 53 7.79 -17.58 17.38
N LEU A 54 7.62 -16.86 18.49
CA LEU A 54 7.46 -15.41 18.47
C LEU A 54 8.79 -14.69 18.26
N GLU A 55 8.80 -13.74 17.34
CA GLU A 55 9.93 -12.82 17.22
C GLU A 55 9.78 -11.79 18.34
N THR A 56 10.90 -11.24 18.81
CA THR A 56 10.88 -10.26 19.90
C THR A 56 10.08 -9.02 19.52
N GLY A 57 9.33 -8.49 20.47
CA GLY A 57 8.54 -7.28 20.25
C GLY A 57 7.16 -7.54 19.67
N VAL A 58 6.86 -8.81 19.45
CA VAL A 58 5.55 -9.24 18.94
C VAL A 58 4.73 -9.76 20.13
N PRO A 59 3.53 -9.20 20.33
CA PRO A 59 2.69 -9.54 21.48
C PRO A 59 2.19 -10.99 21.49
N SER A 60 1.91 -11.50 22.70
CA SER A 60 1.40 -12.86 22.91
C SER A 60 0.09 -13.12 22.18
N ARG A 61 -0.63 -12.03 21.89
CA ARG A 61 -1.83 -12.03 21.05
C ARG A 61 -1.67 -12.92 19.80
N PHE A 62 -0.48 -12.92 19.22
CA PHE A 62 -0.19 -13.73 18.04
C PHE A 62 0.39 -15.10 18.38
N SER A 63 0.04 -16.09 17.55
CA SER A 63 0.32 -17.49 17.85
C SER A 63 0.36 -18.33 16.57
N GLY A 64 1.17 -19.40 16.60
CA GLY A 64 1.32 -20.27 15.44
C GLY A 64 1.57 -21.71 15.81
N GLY A 65 1.24 -22.62 14.90
CA GLY A 65 1.41 -24.05 15.13
C GLY A 65 1.31 -24.90 13.87
N GLY A 66 1.64 -26.18 14.01
CA GLY A 66 1.60 -27.12 12.91
C GLY A 66 2.98 -27.43 12.34
N SER A 67 3.01 -28.32 11.36
CA SER A 67 4.22 -28.77 10.70
C SER A 67 3.90 -29.74 9.56
N GLY A 68 4.77 -29.79 8.56
CA GLY A 68 4.60 -30.69 7.42
C GLY A 68 3.97 -30.00 6.24
N THR A 69 2.67 -30.22 6.05
CA THR A 69 1.92 -29.60 4.96
C THR A 69 0.87 -28.63 5.50
N HIS A 70 0.46 -28.82 6.75
CA HIS A 70 -0.59 -27.99 7.35
C HIS A 70 -0.07 -27.05 8.45
N PHE A 71 -0.43 -25.77 8.33
CA PHE A 71 0.01 -24.74 9.26
C PHE A 71 -1.13 -23.80 9.63
N SER A 72 -1.10 -23.31 10.87
CA SER A 72 -2.12 -22.38 11.37
C SER A 72 -1.55 -21.20 12.14
N PHE A 73 -2.20 -20.05 11.99
CA PHE A 73 -1.80 -18.79 12.60
C PHE A 73 -3.02 -18.18 13.31
N THR A 74 -2.88 -17.97 14.62
CA THR A 74 -3.99 -17.50 15.44
C THR A 74 -3.73 -16.14 16.06
N ILE A 75 -4.71 -15.24 15.91
CA ILE A 75 -4.74 -13.99 16.64
C ILE A 75 -5.82 -14.10 17.70
N THR A 76 -5.40 -14.22 18.95
CA THR A 76 -6.35 -14.27 20.07
C THR A 76 -6.60 -12.86 20.58
N SER A 77 -7.87 -12.55 20.81
CA SER A 77 -8.27 -11.24 21.34
C SER A 77 -7.86 -10.11 20.38
N LEU A 78 -8.52 -10.05 19.23
CA LEU A 78 -8.25 -9.06 18.17
C LEU A 78 -8.28 -7.63 18.67
N GLN A 79 -7.41 -6.80 18.11
CA GLN A 79 -7.35 -5.37 18.43
C GLN A 79 -7.59 -4.55 17.18
N PRO A 80 -8.10 -3.30 17.34
CA PRO A 80 -8.30 -2.41 16.19
C PRO A 80 -7.02 -2.22 15.40
N GLU A 81 -5.91 -2.36 16.09
CA GLU A 81 -4.56 -2.22 15.54
C GLU A 81 -4.20 -3.32 14.54
N ASP A 82 -4.92 -4.44 14.61
CA ASP A 82 -4.62 -5.63 13.81
C ASP A 82 -5.25 -5.62 12.41
N ALA A 83 -5.96 -4.54 12.07
CA ALA A 83 -6.48 -4.37 10.71
C ALA A 83 -5.32 -4.31 9.72
N ALA A 84 -5.06 -5.44 9.09
CA ALA A 84 -3.90 -5.59 8.22
C ALA A 84 -4.10 -6.75 7.25
N THR A 85 -3.07 -7.00 6.45
CA THR A 85 -3.01 -8.20 5.63
C THR A 85 -1.94 -9.12 6.22
N TYR A 86 -2.32 -10.36 6.45
CA TYR A 86 -1.42 -11.34 7.02
C TYR A 86 -1.08 -12.37 5.95
N PHE A 87 0.22 -12.57 5.74
CA PHE A 87 0.67 -13.55 4.76
C PHE A 87 1.76 -14.44 5.33
N CYS A 88 1.79 -15.69 4.85
CA CYS A 88 2.82 -16.65 5.24
C CYS A 88 3.93 -16.75 4.19
N GLN A 89 5.04 -17.38 4.59
CA GLN A 89 6.21 -17.56 3.73
C GLN A 89 6.84 -18.92 4.00
N GLN A 90 6.95 -19.74 2.96
CA GLN A 90 7.69 -21.00 3.04
C GLN A 90 9.16 -20.74 2.74
N TYR A 91 10.02 -21.18 3.64
CA TYR A 91 11.47 -20.99 3.49
C TYR A 91 12.21 -22.31 3.75
N ASP A 92 11.85 -23.34 2.99
CA ASP A 92 12.58 -24.60 3.00
C ASP A 92 13.95 -24.39 2.36
N ASN A 93 13.96 -23.61 1.27
CA ASN A 93 15.20 -23.19 0.62
C ASN A 93 14.90 -22.02 -0.31
N LEU A 94 15.95 -21.37 -0.79
CA LEU A 94 15.82 -20.20 -1.66
C LEU A 94 15.24 -20.55 -3.02
N GLY A 95 15.47 -21.77 -3.48
CA GLY A 95 14.97 -22.23 -4.78
C GLY A 95 13.48 -22.45 -4.81
N ASP A 96 12.93 -22.91 -3.69
CA ASP A 96 11.49 -23.17 -3.58
C ASP A 96 10.71 -22.03 -2.92
N LEU A 97 11.44 -21.11 -2.26
CA LEU A 97 10.85 -20.06 -1.43
C LEU A 97 9.65 -19.38 -2.06
N SER A 98 8.51 -19.43 -1.35
CA SER A 98 7.25 -18.88 -1.87
C SER A 98 6.37 -18.29 -0.78
N PHE A 99 5.31 -17.59 -1.19
CA PHE A 99 4.44 -16.87 -0.26
C PHE A 99 2.99 -17.28 -0.45
N GLY A 100 2.20 -17.16 0.61
CA GLY A 100 0.74 -17.33 0.53
C GLY A 100 0.06 -16.16 -0.15
N GLY A 101 -1.21 -16.36 -0.53
CA GLY A 101 -1.99 -15.31 -1.19
C GLY A 101 -2.36 -14.13 -0.29
N GLY A 102 -2.30 -14.35 1.02
CA GLY A 102 -2.61 -13.32 2.00
C GLY A 102 -4.04 -13.39 2.51
N THR A 103 -4.25 -12.84 3.71
CA THR A 103 -5.58 -12.67 4.26
C THR A 103 -5.77 -11.22 4.67
N LYS A 104 -6.79 -10.56 4.12
CA LYS A 104 -7.17 -9.22 4.54
C LYS A 104 -8.06 -9.33 5.78
N VAL A 105 -7.57 -8.79 6.89
CA VAL A 105 -8.31 -8.83 8.15
C VAL A 105 -8.97 -7.48 8.42
N GLU A 106 -10.30 -7.51 8.50
CA GLU A 106 -11.09 -6.35 8.86
C GLU A 106 -11.56 -6.47 10.31
N ILE A 107 -11.56 -5.37 11.03
CA ILE A 107 -12.10 -5.32 12.38
C ILE A 107 -13.59 -4.96 12.31
N LYS A 108 -14.45 -5.86 12.78
CA LYS A 108 -15.88 -5.60 12.83
C LYS A 108 -16.21 -4.62 13.95
N ARG A 109 -17.01 -3.62 13.60
CA ARG A 109 -17.28 -2.47 14.45
C ARG A 109 -18.79 -2.24 14.49
N THR A 110 -19.25 -1.46 15.47
CA THR A 110 -20.64 -0.99 15.49
C THR A 110 -20.83 0.01 14.35
N VAL A 111 -22.01 -0.03 13.72
CA VAL A 111 -22.31 0.81 12.56
C VAL A 111 -22.14 2.29 12.90
N ALA A 112 -21.34 2.99 12.11
CA ALA A 112 -21.09 4.43 12.29
C ALA A 112 -21.48 5.20 11.04
N ALA A 113 -22.27 6.25 11.22
CA ALA A 113 -22.73 7.09 10.13
C ALA A 113 -21.64 8.09 9.72
N PRO A 114 -21.50 8.34 8.42
CA PRO A 114 -20.48 9.28 7.94
C PRO A 114 -20.88 10.76 8.11
N SER A 115 -19.87 11.59 8.35
CA SER A 115 -20.01 13.03 8.21
C SER A 115 -19.84 13.31 6.71
N VAL A 116 -20.67 14.17 6.16
CA VAL A 116 -20.61 14.46 4.73
C VAL A 116 -20.16 15.89 4.45
N PHE A 117 -19.20 16.02 3.53
CA PHE A 117 -18.69 17.33 3.11
C PHE A 117 -18.64 17.42 1.59
N ILE A 118 -18.89 18.62 1.08
CA ILE A 118 -18.81 18.87 -0.36
C ILE A 118 -17.79 19.98 -0.67
N PHE A 119 -17.10 19.86 -1.80
CA PHE A 119 -16.11 20.84 -2.20
C PHE A 119 -16.31 21.32 -3.63
N PRO A 120 -16.48 22.65 -3.81
CA PRO A 120 -16.55 23.26 -5.14
C PRO A 120 -15.21 23.13 -5.86
N PRO A 121 -15.22 23.20 -7.20
CA PRO A 121 -13.95 23.23 -7.93
C PRO A 121 -13.23 24.54 -7.69
N SER A 122 -11.90 24.49 -7.61
CA SER A 122 -11.08 25.68 -7.39
C SER A 122 -11.08 26.60 -8.62
N ASP A 123 -10.83 27.89 -8.38
CA ASP A 123 -10.65 28.86 -9.46
C ASP A 123 -9.46 28.49 -10.33
N GLU A 124 -8.41 27.98 -9.70
CA GLU A 124 -7.20 27.53 -10.38
C GLU A 124 -7.50 26.45 -11.42
N GLN A 125 -8.37 25.51 -11.07
CA GLN A 125 -8.73 24.41 -11.97
C GLN A 125 -9.62 24.87 -13.13
N LEU A 126 -10.58 25.72 -12.83
CA LEU A 126 -11.53 26.23 -13.82
C LEU A 126 -10.82 26.94 -14.98
N LYS A 127 -9.72 27.61 -14.66
CA LYS A 127 -8.95 28.35 -15.65
C LYS A 127 -8.15 27.43 -16.60
N SER A 128 -8.20 26.11 -16.34
CA SER A 128 -7.50 25.14 -17.19
C SER A 128 -8.44 24.33 -18.09
N GLY A 129 -9.74 24.40 -17.83
CA GLY A 129 -10.74 23.79 -18.72
C GLY A 129 -11.62 22.70 -18.13
N THR A 130 -11.26 22.20 -16.95
CA THR A 130 -11.98 21.09 -16.31
C THR A 130 -12.48 21.52 -14.92
N ALA A 131 -13.58 20.90 -14.48
CA ALA A 131 -14.15 21.18 -13.16
C ALA A 131 -14.46 19.89 -12.39
N SER A 132 -13.81 19.74 -11.24
CA SER A 132 -14.01 18.57 -10.39
C SER A 132 -14.70 18.93 -9.07
N VAL A 133 -15.80 18.23 -8.79
CA VAL A 133 -16.54 18.42 -7.54
C VAL A 133 -16.31 17.19 -6.67
N VAL A 134 -15.89 17.43 -5.42
CA VAL A 134 -15.50 16.34 -4.51
C VAL A 134 -16.45 16.22 -3.33
N CYS A 135 -16.94 15.00 -3.11
CA CYS A 135 -17.74 14.66 -1.95
C CYS A 135 -16.92 13.79 -1.01
N LEU A 136 -16.98 14.09 0.29
CA LEU A 136 -16.22 13.34 1.28
C LEU A 136 -17.15 12.72 2.32
N LEU A 137 -16.99 11.41 2.52
CA LEU A 137 -17.66 10.70 3.60
C LEU A 137 -16.62 10.36 4.66
N ASN A 138 -16.77 10.92 5.85
CA ASN A 138 -15.76 10.81 6.89
C ASN A 138 -16.07 9.73 7.93
N ASN A 139 -15.06 8.92 8.24
CA ASN A 139 -15.08 7.94 9.33
C ASN A 139 -16.41 7.20 9.56
N PHE A 140 -16.70 6.24 8.68
CA PHE A 140 -17.95 5.49 8.76
C PHE A 140 -17.72 3.99 8.68
N TYR A 141 -18.73 3.22 9.09
CA TYR A 141 -18.68 1.76 9.03
C TYR A 141 -20.08 1.21 8.75
N PRO A 142 -20.18 0.21 7.84
CA PRO A 142 -19.13 -0.45 7.07
C PRO A 142 -18.78 0.26 5.76
N ARG A 143 -17.92 -0.37 4.96
CA ARG A 143 -17.46 0.15 3.67
C ARG A 143 -18.59 0.48 2.70
N GLU A 144 -19.60 -0.40 2.62
CA GLU A 144 -20.73 -0.24 1.72
C GLU A 144 -21.51 1.07 1.99
N ALA A 145 -21.64 1.88 0.94
CA ALA A 145 -22.38 3.14 0.99
C ALA A 145 -22.76 3.57 -0.42
N LYS A 146 -23.83 4.35 -0.55
CA LYS A 146 -24.26 4.85 -1.85
C LYS A 146 -24.13 6.37 -1.95
N VAL A 147 -23.40 6.82 -2.95
CA VAL A 147 -23.19 8.24 -3.21
C VAL A 147 -23.65 8.56 -4.63
N GLN A 148 -24.50 9.58 -4.77
CA GLN A 148 -25.01 9.97 -6.08
C GLN A 148 -24.91 11.48 -6.30
N TRP A 149 -24.68 11.88 -7.55
CA TRP A 149 -24.53 13.28 -7.90
C TRP A 149 -25.79 13.86 -8.54
N LYS A 150 -26.21 15.02 -8.04
CA LYS A 150 -27.38 15.71 -8.56
C LYS A 150 -27.03 17.14 -8.95
N VAL A 151 -27.27 17.47 -10.22
CA VAL A 151 -26.99 18.80 -10.77
C VAL A 151 -28.32 19.39 -11.26
N ASP A 152 -28.82 20.38 -10.52
CA ASP A 152 -30.17 20.94 -10.74
C ASP A 152 -31.24 19.84 -10.68
N ASN A 153 -31.13 18.98 -9.66
CA ASN A 153 -32.02 17.83 -9.44
C ASN A 153 -32.05 16.80 -10.58
N ALA A 154 -30.91 16.61 -11.24
CA ALA A 154 -30.77 15.61 -12.30
C ALA A 154 -29.65 14.62 -11.98
N LEU A 155 -29.97 13.34 -12.02
CA LEU A 155 -29.00 12.27 -11.76
C LEU A 155 -27.85 12.25 -12.76
N GLN A 156 -26.63 12.07 -12.24
CA GLN A 156 -25.44 11.99 -13.06
C GLN A 156 -24.97 10.55 -13.19
N SER A 157 -24.70 10.13 -14.44
CA SER A 157 -24.34 8.75 -14.73
C SER A 157 -23.00 8.65 -15.47
N GLY A 158 -22.11 7.81 -14.95
CA GLY A 158 -20.85 7.47 -15.61
C GLY A 158 -19.79 8.55 -15.67
N ASN A 159 -20.04 9.69 -15.03
CA ASN A 159 -19.11 10.81 -15.06
C ASN A 159 -18.44 11.09 -13.71
N SER A 160 -18.49 10.12 -12.80
CA SER A 160 -17.86 10.24 -11.49
C SER A 160 -17.12 8.98 -11.06
N GLN A 161 -16.22 9.14 -10.09
CA GLN A 161 -15.42 8.03 -9.58
C GLN A 161 -15.33 8.08 -8.06
N GLU A 162 -15.32 6.91 -7.44
CA GLU A 162 -15.22 6.80 -5.99
C GLU A 162 -13.87 6.23 -5.56
N SER A 163 -13.50 6.49 -4.30
CA SER A 163 -12.26 5.98 -3.73
C SER A 163 -12.43 5.73 -2.24
N VAL A 164 -11.96 4.58 -1.77
CA VAL A 164 -12.07 4.22 -0.35
C VAL A 164 -10.69 4.09 0.28
N THR A 165 -10.55 4.63 1.47
CA THR A 165 -9.33 4.44 2.27
C THR A 165 -9.31 3.03 2.83
N GLU A 166 -8.14 2.60 3.31
CA GLU A 166 -8.06 1.37 4.09
C GLU A 166 -8.67 1.62 5.47
N GLN A 167 -8.91 0.53 6.21
CA GLN A 167 -9.51 0.65 7.54
C GLN A 167 -8.60 1.37 8.52
N ASP A 168 -9.19 2.24 9.35
CA ASP A 168 -8.46 3.02 10.34
C ASP A 168 -7.92 2.14 11.47
N SER A 169 -6.67 2.40 11.87
CA SER A 169 -6.01 1.63 12.93
C SER A 169 -6.63 1.81 14.32
N LYS A 170 -7.30 2.94 14.55
CA LYS A 170 -7.80 3.27 15.89
C LYS A 170 -9.31 3.11 16.08
N ASP A 171 -10.10 3.74 15.22
CA ASP A 171 -11.56 3.66 15.32
C ASP A 171 -12.19 2.74 14.26
N SER A 172 -11.35 1.97 13.58
CA SER A 172 -11.77 0.94 12.61
C SER A 172 -12.78 1.39 11.54
N THR A 173 -12.81 2.69 11.26
CA THR A 173 -13.72 3.24 10.25
C THR A 173 -13.05 3.39 8.89
N TYR A 174 -13.87 3.69 7.89
CA TYR A 174 -13.40 3.99 6.55
C TYR A 174 -13.74 5.42 6.19
N SER A 175 -13.08 5.93 5.15
CA SER A 175 -13.45 7.20 4.55
C SER A 175 -13.50 7.05 3.02
N LEU A 176 -14.46 7.73 2.40
CA LEU A 176 -14.71 7.59 0.97
C LEU A 176 -14.74 8.95 0.26
N SER A 177 -14.25 8.98 -0.97
CA SER A 177 -14.31 10.18 -1.80
C SER A 177 -15.02 9.89 -3.13
N SER A 178 -16.00 10.73 -3.45
CA SER A 178 -16.64 10.70 -4.77
C SER A 178 -16.27 11.96 -5.53
N THR A 179 -15.98 11.82 -6.83
CA THR A 179 -15.51 12.94 -7.63
C THR A 179 -16.24 13.06 -8.98
N LEU A 180 -17.10 14.08 -9.08
CA LEU A 180 -17.80 14.40 -10.31
C LEU A 180 -16.91 15.23 -11.23
N THR A 181 -16.72 14.75 -12.46
CA THR A 181 -15.79 15.39 -13.41
C THR A 181 -16.53 15.99 -14.60
N LEU A 182 -16.53 17.32 -14.66
CA LEU A 182 -17.23 18.07 -15.69
C LEU A 182 -16.29 18.99 -16.45
N SER A 183 -16.63 19.28 -17.70
CA SER A 183 -15.94 20.32 -18.46
C SER A 183 -16.42 21.68 -17.95
N LYS A 184 -15.58 22.70 -18.10
CA LYS A 184 -15.90 24.06 -17.66
C LYS A 184 -17.24 24.55 -18.24
N ALA A 185 -17.41 24.38 -19.55
CA ALA A 185 -18.63 24.82 -20.25
C ALA A 185 -19.90 24.13 -19.73
N ASP A 186 -19.77 22.85 -19.37
CA ASP A 186 -20.87 22.10 -18.75
C ASP A 186 -21.12 22.58 -17.32
N TYR A 187 -20.03 22.82 -16.58
CA TYR A 187 -20.12 23.24 -15.19
C TYR A 187 -20.85 24.58 -15.02
N GLU A 188 -20.53 25.54 -15.89
CA GLU A 188 -21.10 26.88 -15.82
C GLU A 188 -22.53 26.98 -16.38
N LYS A 189 -23.00 25.90 -17.00
CA LYS A 189 -24.34 25.86 -17.56
C LYS A 189 -25.43 25.70 -16.48
N HIS A 190 -25.12 24.93 -15.45
CA HIS A 190 -26.06 24.71 -14.35
C HIS A 190 -25.60 25.31 -13.01
N LYS A 191 -26.56 25.52 -12.10
CA LYS A 191 -26.34 26.30 -10.88
C LYS A 191 -26.13 25.46 -9.60
N VAL A 192 -27.07 24.56 -9.32
CA VAL A 192 -27.06 23.78 -8.06
C VAL A 192 -26.28 22.47 -8.22
N TYR A 193 -25.36 22.23 -7.28
CA TYR A 193 -24.55 21.01 -7.26
C TYR A 193 -24.66 20.30 -5.93
N ALA A 194 -25.19 19.08 -5.95
CA ALA A 194 -25.54 18.36 -4.74
C ALA A 194 -24.94 16.95 -4.66
N CYS A 195 -24.61 16.56 -3.44
CA CYS A 195 -24.13 15.21 -3.13
C CYS A 195 -25.08 14.55 -2.13
N GLU A 196 -25.77 13.49 -2.57
CA GLU A 196 -26.70 12.77 -1.70
C GLU A 196 -26.17 11.41 -1.25
N VAL A 197 -26.07 11.24 0.07
CA VAL A 197 -25.45 10.06 0.67
C VAL A 197 -26.47 9.11 1.30
N THR A 198 -26.31 7.83 1.01
CA THR A 198 -27.09 6.75 1.60
C THR A 198 -26.16 5.75 2.31
N HIS A 199 -26.50 5.39 3.53
CA HIS A 199 -25.72 4.46 4.34
C HIS A 199 -26.60 3.80 5.39
N GLN A 200 -26.26 2.57 5.78
CA GLN A 200 -27.08 1.82 6.73
C GLN A 200 -27.09 2.41 8.14
N GLY A 201 -26.19 3.37 8.39
CA GLY A 201 -26.13 4.08 9.66
C GLY A 201 -26.90 5.38 9.67
N LEU A 202 -27.55 5.68 8.54
CA LEU A 202 -28.36 6.89 8.40
C LEU A 202 -29.83 6.54 8.25
N SER A 203 -30.64 7.04 9.17
CA SER A 203 -32.09 6.84 9.10
C SER A 203 -32.75 7.72 8.04
N SER A 204 -32.07 8.80 7.69
CA SER A 204 -32.48 9.69 6.59
C SER A 204 -31.28 9.96 5.66
N PRO A 205 -31.55 10.07 4.34
CA PRO A 205 -30.48 10.42 3.40
C PRO A 205 -29.93 11.83 3.68
N VAL A 206 -28.62 11.99 3.53
CA VAL A 206 -27.95 13.25 3.80
C VAL A 206 -27.53 13.90 2.48
N THR A 207 -27.89 15.18 2.32
CA THR A 207 -27.54 15.95 1.13
C THR A 207 -26.69 17.16 1.51
N LYS A 208 -25.52 17.25 0.89
CA LYS A 208 -24.67 18.44 1.00
C LYS A 208 -24.57 19.09 -0.39
N SER A 209 -24.83 20.39 -0.45
CA SER A 209 -24.90 21.08 -1.74
C SER A 209 -24.38 22.51 -1.68
N PHE A 210 -24.16 23.10 -2.86
CA PHE A 210 -23.76 24.50 -2.97
C PHE A 210 -24.28 25.13 -4.26
N ASN A 211 -24.45 26.45 -4.24
CA ASN A 211 -24.72 27.20 -5.46
C ASN A 211 -23.43 27.68 -6.11
N ARG A 212 -23.42 27.69 -7.44
CA ARG A 212 -22.23 28.04 -8.21
C ARG A 212 -21.89 29.53 -8.06
N GLY A 213 -20.68 29.80 -7.55
CA GLY A 213 -20.17 31.16 -7.37
C GLY A 213 -20.88 31.94 -6.28
N GLU A 214 -20.96 31.36 -5.08
CA GLU A 214 -21.59 32.01 -3.94
C GLU A 214 -20.77 31.92 -2.64
N CYS A 215 -19.76 31.06 -2.64
CA CYS A 215 -18.85 30.93 -1.50
C CYS A 215 -17.40 30.68 -1.96
N GLN B 1 15.85 3.14 14.71
CA GLN B 1 16.00 1.68 14.92
C GLN B 1 16.45 0.98 13.64
N VAL B 2 16.36 -0.35 13.64
CA VAL B 2 16.73 -1.19 12.49
C VAL B 2 15.76 -0.94 11.32
N GLN B 3 16.29 -0.48 10.19
CA GLN B 3 15.46 0.09 9.13
C GLN B 3 16.02 -0.09 7.72
N LEU B 4 15.11 -0.17 6.74
CA LEU B 4 15.49 -0.25 5.32
C LEU B 4 14.67 0.73 4.46
N VAL B 5 15.36 1.59 3.72
CA VAL B 5 14.73 2.59 2.86
C VAL B 5 15.13 2.37 1.39
N GLN B 6 14.13 2.36 0.52
CA GLN B 6 14.33 2.00 -0.89
C GLN B 6 14.17 3.18 -1.84
N SER B 7 14.91 3.15 -2.94
CA SER B 7 14.93 4.22 -3.93
C SER B 7 15.07 3.68 -5.35
N GLY B 8 14.85 4.55 -6.33
CA GLY B 8 15.12 4.22 -7.73
C GLY B 8 13.92 3.83 -8.56
N GLY B 9 12.76 3.71 -7.91
CA GLY B 9 11.53 3.39 -8.61
C GLY B 9 11.10 4.49 -9.55
N GLY B 10 10.26 4.13 -10.53
CA GLY B 10 9.75 5.08 -11.50
C GLY B 10 9.27 4.43 -12.78
N LEU B 11 9.30 5.20 -13.86
CA LEU B 11 8.82 4.73 -15.16
C LEU B 11 9.97 4.27 -16.06
N VAL B 12 9.81 3.12 -16.68
CA VAL B 12 10.79 2.57 -17.62
C VAL B 12 10.11 2.13 -18.91
N GLN B 13 10.80 2.30 -20.02
CA GLN B 13 10.35 1.78 -21.32
C GLN B 13 10.47 0.26 -21.32
N PRO B 14 9.59 -0.44 -22.06
CA PRO B 14 9.72 -1.89 -22.19
C PRO B 14 11.06 -2.26 -22.84
N GLY B 15 11.88 -3.00 -22.10
CA GLY B 15 13.21 -3.38 -22.57
C GLY B 15 14.33 -2.52 -22.00
N GLY B 16 13.97 -1.41 -21.37
CA GLY B 16 14.94 -0.48 -20.79
C GLY B 16 15.54 -0.94 -19.47
N SER B 17 16.41 -0.10 -18.91
CA SER B 17 17.13 -0.43 -17.67
C SER B 17 16.79 0.50 -16.50
N LEU B 18 16.87 -0.04 -15.29
CA LEU B 18 16.66 0.72 -14.07
C LEU B 18 17.46 0.11 -12.92
N ARG B 19 18.01 0.96 -12.07
CA ARG B 19 18.77 0.51 -10.90
C ARG B 19 18.03 0.85 -9.60
N LEU B 20 17.81 -0.17 -8.78
CA LEU B 20 17.19 0.03 -7.47
C LEU B 20 18.24 0.01 -6.37
N SER B 21 18.07 0.89 -5.40
CA SER B 21 18.96 0.92 -4.24
C SER B 21 18.16 0.74 -2.95
N CYS B 22 18.78 0.04 -2.01
CA CYS B 22 18.18 -0.23 -0.71
C CYS B 22 19.20 0.15 0.35
N ALA B 23 18.91 1.22 1.09
CA ALA B 23 19.82 1.70 2.13
C ALA B 23 19.47 1.14 3.50
N ALA B 24 20.49 0.75 4.26
CA ALA B 24 20.30 0.18 5.60
C ALA B 24 20.68 1.17 6.69
N PHE B 25 19.81 1.28 7.69
CA PHE B 25 20.04 2.17 8.83
C PHE B 25 19.78 1.44 10.14
N GLY B 26 20.64 1.70 11.12
CA GLY B 26 20.44 1.23 12.48
C GLY B 26 21.00 -0.15 12.80
N PHE B 27 21.58 -0.82 11.81
CA PHE B 27 22.18 -2.14 12.03
C PHE B 27 23.45 -2.38 11.22
N ASN B 28 24.13 -3.49 11.53
CA ASN B 28 25.39 -3.84 10.90
C ASN B 28 25.21 -4.58 9.57
N PHE B 29 24.91 -3.81 8.52
CA PHE B 29 24.55 -4.33 7.18
C PHE B 29 25.42 -5.46 6.64
N SER B 30 26.74 -5.33 6.82
CA SER B 30 27.72 -6.26 6.24
C SER B 30 27.63 -7.70 6.78
N SER B 31 26.99 -7.87 7.94
CA SER B 31 26.86 -9.18 8.57
C SER B 31 25.71 -10.01 8.00
N TYR B 32 24.77 -9.35 7.33
CA TYR B 32 23.52 -9.99 6.96
C TYR B 32 23.38 -10.33 5.48
N VAL B 33 22.71 -11.46 5.23
CA VAL B 33 22.27 -11.83 3.89
C VAL B 33 21.08 -10.94 3.54
N MET B 34 21.01 -10.49 2.28
CA MET B 34 19.92 -9.62 1.84
C MET B 34 19.09 -10.27 0.72
N HIS B 35 17.81 -9.90 0.67
CA HIS B 35 16.89 -10.44 -0.31
C HIS B 35 16.19 -9.35 -1.09
N TRP B 36 15.69 -9.72 -2.27
CA TRP B 36 14.77 -8.88 -3.04
C TRP B 36 13.48 -9.65 -3.28
N VAL B 37 12.36 -8.99 -2.99
CA VAL B 37 11.03 -9.56 -3.24
C VAL B 37 10.24 -8.51 -4.02
N ARG B 38 9.16 -8.94 -4.68
CA ARG B 38 8.26 -8.01 -5.35
C ARG B 38 6.81 -8.46 -5.26
N GLN B 39 5.89 -7.52 -5.45
CA GLN B 39 4.47 -7.82 -5.48
C GLN B 39 3.75 -7.07 -6.60
N ALA B 40 3.23 -7.83 -7.56
CA ALA B 40 2.40 -7.28 -8.63
C ALA B 40 1.03 -6.92 -8.06
N PRO B 41 0.36 -5.90 -8.63
CA PRO B 41 -0.99 -5.56 -8.18
C PRO B 41 -1.96 -6.74 -8.30
N GLY B 42 -2.73 -6.98 -7.24
CA GLY B 42 -3.71 -8.06 -7.20
C GLY B 42 -3.11 -9.45 -7.15
N GLN B 43 -1.80 -9.52 -6.92
CA GLN B 43 -1.10 -10.82 -6.85
C GLN B 43 -0.33 -10.97 -5.54
N GLY B 44 0.14 -12.19 -5.29
CA GLY B 44 0.91 -12.48 -4.08
C GLY B 44 2.36 -12.03 -4.21
N LEU B 45 3.06 -12.01 -3.08
CA LEU B 45 4.49 -11.72 -3.06
C LEU B 45 5.24 -12.77 -3.88
N GLU B 46 6.25 -12.33 -4.61
CA GLU B 46 7.07 -13.23 -5.42
C GLU B 46 8.55 -13.00 -5.11
N TYR B 47 9.22 -14.06 -4.67
CA TYR B 47 10.63 -13.99 -4.29
C TYR B 47 11.53 -13.89 -5.51
N LEU B 48 12.54 -13.03 -5.43
CA LEU B 48 13.41 -12.75 -6.57
C LEU B 48 14.85 -13.19 -6.40
N SER B 49 15.51 -12.71 -5.35
CA SER B 49 16.97 -12.87 -5.24
C SER B 49 17.51 -12.93 -3.81
N ALA B 50 18.66 -13.59 -3.67
CA ALA B 50 19.46 -13.57 -2.44
C ALA B 50 20.91 -13.20 -2.74
N ILE B 51 21.56 -12.51 -1.81
CA ILE B 51 22.98 -12.17 -1.95
C ILE B 51 23.71 -12.37 -0.63
N SER B 52 24.90 -12.98 -0.70
CA SER B 52 25.73 -13.24 0.47
C SER B 52 26.18 -11.95 1.16
N SER B 53 26.57 -12.07 2.43
CA SER B 53 27.06 -10.93 3.21
C SER B 53 28.33 -10.30 2.61
N ASP B 54 29.24 -11.13 2.11
CA ASP B 54 30.43 -10.61 1.42
C ASP B 54 30.10 -10.10 0.01
N GLY B 55 28.96 -10.54 -0.53
CA GLY B 55 28.41 -9.97 -1.76
C GLY B 55 28.90 -10.55 -3.07
N GLU B 56 29.59 -11.69 -3.00
CA GLU B 56 30.12 -12.33 -4.21
C GLU B 56 29.33 -13.57 -4.64
N THR B 57 28.33 -13.94 -3.85
CA THR B 57 27.49 -15.10 -4.17
C THR B 57 26.01 -14.73 -4.15
N THR B 58 25.35 -14.89 -5.30
CA THR B 58 23.92 -14.55 -5.43
C THR B 58 23.06 -15.73 -5.88
N TYR B 59 21.77 -15.66 -5.55
CA TYR B 59 20.74 -16.50 -6.17
C TYR B 59 19.73 -15.62 -6.87
N HIS B 60 19.29 -16.04 -8.05
CA HIS B 60 18.21 -15.36 -8.78
C HIS B 60 17.16 -16.34 -9.25
N ALA B 61 15.89 -16.01 -8.98
CA ALA B 61 14.75 -16.84 -9.39
C ALA B 61 14.68 -16.92 -10.91
N ASN B 62 14.08 -18.01 -11.41
CA ASN B 62 13.95 -18.25 -12.85
C ASN B 62 13.24 -17.13 -13.63
N SER B 63 12.32 -16.44 -12.95
CA SER B 63 11.56 -15.36 -13.58
C SER B 63 12.40 -14.12 -13.89
N VAL B 64 13.57 -14.03 -13.27
CA VAL B 64 14.45 -12.87 -13.44
C VAL B 64 15.92 -13.21 -13.68
N LYS B 65 16.26 -14.50 -13.66
CA LYS B 65 17.67 -14.95 -13.58
C LYS B 65 18.67 -14.22 -14.45
N GLY B 66 18.48 -14.28 -15.77
CA GLY B 66 19.38 -13.62 -16.71
C GLY B 66 18.89 -12.25 -17.12
N ARG B 67 18.28 -11.54 -16.17
CA ARG B 67 17.68 -10.24 -16.43
C ARG B 67 18.02 -9.20 -15.34
N PHE B 68 17.85 -9.59 -14.09
CA PHE B 68 18.20 -8.71 -12.97
C PHE B 68 19.45 -9.23 -12.26
N THR B 69 20.27 -8.30 -11.77
CA THR B 69 21.45 -8.66 -10.98
C THR B 69 21.45 -7.93 -9.64
N SER B 70 21.52 -8.71 -8.56
CA SER B 70 21.70 -8.17 -7.21
C SER B 70 23.18 -7.93 -6.94
N SER B 71 23.49 -6.75 -6.43
CA SER B 71 24.84 -6.44 -5.94
C SER B 71 24.74 -5.62 -4.65
N ARG B 72 25.87 -5.49 -3.95
CA ARG B 72 25.91 -4.69 -2.73
C ARG B 72 27.25 -3.98 -2.54
N ASP B 73 27.21 -2.81 -1.90
CA ASP B 73 28.39 -2.08 -1.51
C ASP B 73 28.34 -1.90 0.00
N ASN B 74 29.13 -2.69 0.71
CA ASN B 74 29.08 -2.72 2.17
C ASN B 74 29.62 -1.46 2.84
N SER B 75 30.61 -0.81 2.21
CA SER B 75 31.16 0.45 2.73
C SER B 75 30.16 1.59 2.61
N LYS B 76 29.10 1.37 1.83
CA LYS B 76 28.04 2.36 1.66
C LYS B 76 26.72 1.90 2.29
N ASN B 77 26.72 0.69 2.87
CA ASN B 77 25.53 0.08 3.47
C ASN B 77 24.33 0.08 2.52
N THR B 78 24.59 -0.30 1.27
CA THR B 78 23.56 -0.25 0.25
C THR B 78 23.45 -1.57 -0.52
N LEU B 79 22.23 -2.03 -0.71
CA LEU B 79 21.94 -3.17 -1.55
C LEU B 79 21.40 -2.64 -2.88
N PHE B 80 21.82 -3.28 -3.97
CA PHE B 80 21.43 -2.84 -5.31
C PHE B 80 20.67 -3.92 -6.08
N LEU B 81 19.83 -3.49 -7.01
CA LEU B 81 19.22 -4.37 -7.99
C LEU B 81 19.28 -3.72 -9.36
N GLN B 82 20.11 -4.28 -10.22
CA GLN B 82 20.22 -3.83 -11.61
C GLN B 82 19.20 -4.58 -12.44
N MET B 83 18.26 -3.84 -13.02
CA MET B 83 17.18 -4.44 -13.81
C MET B 83 17.35 -4.11 -15.29
N GLY B 84 17.32 -5.15 -16.12
CA GLY B 84 17.45 -5.00 -17.57
C GLY B 84 16.38 -5.77 -18.31
N SER B 85 16.15 -5.39 -19.57
CA SER B 85 15.11 -5.99 -20.42
C SER B 85 13.80 -6.26 -19.69
N LEU B 86 13.08 -5.19 -19.39
CA LEU B 86 11.89 -5.24 -18.55
C LEU B 86 10.62 -5.53 -19.33
N ARG B 87 9.68 -6.22 -18.68
CA ARG B 87 8.40 -6.59 -19.28
C ARG B 87 7.24 -6.07 -18.43
N THR B 88 6.02 -6.25 -18.93
CA THR B 88 4.80 -5.85 -18.22
C THR B 88 4.64 -6.63 -16.91
N GLU B 89 5.13 -7.87 -16.89
CA GLU B 89 5.06 -8.72 -15.70
C GLU B 89 5.98 -8.24 -14.58
N ASP B 90 6.82 -7.25 -14.88
CA ASP B 90 7.74 -6.69 -13.89
C ASP B 90 7.17 -5.47 -13.16
N VAL B 91 5.95 -5.09 -13.52
CA VAL B 91 5.24 -4.03 -12.83
C VAL B 91 4.90 -4.51 -11.43
N ALA B 92 5.58 -3.93 -10.44
CA ALA B 92 5.45 -4.37 -9.05
C ALA B 92 6.02 -3.35 -8.06
N VAL B 93 5.61 -3.49 -6.81
CA VAL B 93 6.29 -2.84 -5.69
C VAL B 93 7.44 -3.76 -5.30
N TYR B 94 8.66 -3.23 -5.31
CA TYR B 94 9.85 -4.03 -5.02
C TYR B 94 10.34 -3.84 -3.59
N TYR B 95 10.58 -4.96 -2.91
CA TYR B 95 10.96 -4.99 -1.50
C TYR B 95 12.34 -5.62 -1.32
N CYS B 96 13.20 -4.94 -0.56
CA CYS B 96 14.41 -5.56 -0.05
C CYS B 96 14.18 -6.00 1.40
N ALA B 97 14.80 -7.10 1.80
CA ALA B 97 14.65 -7.62 3.16
C ALA B 97 15.95 -8.15 3.74
N ARG B 98 16.02 -8.12 5.07
CA ARG B 98 17.17 -8.61 5.83
C ARG B 98 16.90 -10.04 6.26
N ASP B 99 17.87 -10.92 6.01
CA ASP B 99 17.77 -12.32 6.41
C ASP B 99 18.17 -12.48 7.87
N ARG B 100 17.51 -13.40 8.56
CA ARG B 100 17.95 -13.80 9.89
C ARG B 100 18.06 -15.31 9.97
N TYR B 101 19.10 -15.78 10.68
CA TYR B 101 19.32 -17.20 10.90
C TYR B 101 19.12 -17.51 12.39
N TYR B 102 18.28 -18.49 12.66
CA TYR B 102 18.02 -18.93 14.03
C TYR B 102 18.76 -20.24 14.28
N GLU B 103 19.91 -20.15 14.94
CA GLU B 103 20.80 -21.30 15.11
C GLU B 103 20.15 -22.48 15.85
N THR B 104 19.31 -22.16 16.84
CA THR B 104 18.68 -23.20 17.67
C THR B 104 17.79 -24.16 16.87
N SER B 105 17.25 -23.68 15.75
CA SER B 105 16.34 -24.48 14.92
C SER B 105 16.85 -24.66 13.49
N GLY B 106 17.99 -24.06 13.17
CA GLY B 106 18.62 -24.16 11.85
C GLY B 106 17.73 -23.64 10.75
N SER B 107 17.13 -22.47 10.99
CA SER B 107 16.11 -21.93 10.09
C SER B 107 16.27 -20.44 9.82
N ASN B 108 15.52 -19.94 8.84
CA ASN B 108 15.67 -18.57 8.36
C ASN B 108 14.34 -17.84 8.16
N ALA B 109 14.37 -16.52 8.33
CA ALA B 109 13.23 -15.64 8.04
C ALA B 109 13.72 -14.29 7.53
N PHE B 110 12.78 -13.44 7.08
CA PHE B 110 13.09 -12.06 6.69
C PHE B 110 12.63 -11.15 7.83
N ASP B 111 13.54 -10.80 8.74
CA ASP B 111 13.12 -10.07 9.95
C ASP B 111 12.95 -8.55 9.78
N VAL B 112 13.53 -7.98 8.73
CA VAL B 112 13.38 -6.56 8.43
C VAL B 112 13.14 -6.33 6.95
N TRP B 113 12.06 -5.63 6.62
CA TRP B 113 11.70 -5.29 5.25
C TRP B 113 11.76 -3.78 5.05
N GLY B 114 11.84 -3.36 3.79
CA GLY B 114 11.71 -1.95 3.43
C GLY B 114 10.25 -1.61 3.13
N GLN B 115 9.96 -0.31 3.03
CA GLN B 115 8.59 0.13 2.72
C GLN B 115 8.18 -0.11 1.27
N GLY B 116 9.15 -0.50 0.45
CA GLY B 116 8.89 -0.85 -0.95
C GLY B 116 9.15 0.30 -1.90
N THR B 117 9.48 -0.04 -3.14
CA THR B 117 9.60 0.95 -4.21
C THR B 117 8.92 0.44 -5.49
N MET B 118 8.12 1.31 -6.11
CA MET B 118 7.28 0.92 -7.24
C MET B 118 7.97 1.12 -8.58
N VAL B 119 7.89 0.09 -9.43
CA VAL B 119 8.40 0.19 -10.80
C VAL B 119 7.28 -0.02 -11.81
N VAL B 120 7.11 0.95 -12.71
CA VAL B 120 6.12 0.84 -13.78
C VAL B 120 6.78 0.70 -15.14
N VAL B 121 6.38 -0.34 -15.88
CA VAL B 121 6.87 -0.54 -17.23
C VAL B 121 5.82 -0.16 -18.28
N SER B 122 6.12 0.85 -19.07
CA SER B 122 5.17 1.35 -20.07
C SER B 122 5.90 2.19 -21.13
N SER B 123 5.30 2.30 -22.31
CA SER B 123 5.82 3.16 -23.36
C SER B 123 5.15 4.53 -23.34
N ALA B 124 4.38 4.80 -22.28
CA ALA B 124 3.75 6.11 -22.07
C ALA B 124 4.74 7.07 -21.43
N SER B 125 4.49 8.38 -21.59
CA SER B 125 5.38 9.42 -21.09
C SER B 125 5.05 9.85 -19.67
N THR B 126 6.07 10.31 -18.95
CA THR B 126 5.93 10.84 -17.60
C THR B 126 5.08 12.12 -17.61
N LYS B 127 4.23 12.26 -16.60
CA LYS B 127 3.45 13.48 -16.41
C LYS B 127 3.37 13.88 -14.95
N GLY B 128 3.68 15.15 -14.68
CA GLY B 128 3.59 15.71 -13.33
C GLY B 128 2.15 16.00 -12.92
N PRO B 129 1.88 15.95 -11.60
CA PRO B 129 0.53 16.21 -11.11
C PRO B 129 0.20 17.70 -10.95
N SER B 130 -1.08 18.03 -11.15
CA SER B 130 -1.60 19.35 -10.84
C SER B 130 -2.30 19.26 -9.49
N VAL B 131 -1.94 20.16 -8.57
CA VAL B 131 -2.52 20.14 -7.22
C VAL B 131 -3.49 21.30 -7.04
N PHE B 132 -4.72 20.97 -6.65
CA PHE B 132 -5.76 21.97 -6.44
C PHE B 132 -6.29 21.95 -5.01
N PRO B 133 -6.61 23.14 -4.44
CA PRO B 133 -7.14 23.18 -3.08
C PRO B 133 -8.60 22.71 -3.03
N LEU B 134 -8.98 22.08 -1.92
CA LEU B 134 -10.38 21.77 -1.66
C LEU B 134 -10.89 22.49 -0.41
N ALA B 135 -11.76 23.47 -0.62
CA ALA B 135 -12.16 24.37 0.45
C ALA B 135 -13.67 24.34 0.66
N PRO B 136 -14.10 24.51 1.90
CA PRO B 136 -15.53 24.55 2.23
C PRO B 136 -16.10 25.96 2.12
N CYS B 137 -17.37 26.12 2.48
CA CYS B 137 -18.06 27.40 2.32
C CYS B 137 -18.46 27.98 3.67
N THR B 145 -16.82 20.96 13.38
CA THR B 145 -15.86 20.21 12.55
C THR B 145 -15.90 20.69 11.10
N ALA B 146 -14.72 21.07 10.59
CA ALA B 146 -14.59 21.50 9.20
C ALA B 146 -13.64 20.58 8.45
N ALA B 147 -13.79 20.53 7.14
CA ALA B 147 -12.94 19.70 6.30
C ALA B 147 -12.34 20.49 5.14
N LEU B 148 -11.09 20.17 4.82
CA LEU B 148 -10.39 20.75 3.68
C LEU B 148 -9.39 19.75 3.11
N GLY B 149 -8.79 20.07 1.96
CA GLY B 149 -7.84 19.15 1.36
C GLY B 149 -7.21 19.59 0.05
N CYS B 150 -6.63 18.61 -0.64
CA CYS B 150 -5.96 18.81 -1.91
C CYS B 150 -6.43 17.79 -2.93
N LEU B 151 -6.59 18.25 -4.17
CA LEU B 151 -6.89 17.38 -5.28
C LEU B 151 -5.66 17.22 -6.16
N VAL B 152 -5.12 16.00 -6.19
CA VAL B 152 -3.93 15.70 -6.97
C VAL B 152 -4.35 15.01 -8.27
N LYS B 153 -4.35 15.78 -9.36
CA LYS B 153 -4.98 15.36 -10.60
C LYS B 153 -4.01 15.23 -11.77
N ASP B 154 -4.20 14.16 -12.55
CA ASP B 154 -3.55 13.97 -13.86
C ASP B 154 -2.02 13.79 -13.81
N TYR B 155 -1.59 12.76 -13.10
CA TYR B 155 -0.18 12.37 -13.04
C TYR B 155 0.03 10.93 -13.53
N PHE B 156 1.27 10.62 -13.90
CA PHE B 156 1.63 9.29 -14.37
C PHE B 156 3.12 9.04 -14.15
N PRO B 157 3.48 7.85 -13.64
CA PRO B 157 2.57 6.86 -13.09
C PRO B 157 2.46 7.01 -11.57
N GLU B 158 2.31 5.90 -10.85
CA GLU B 158 2.27 5.92 -9.40
C GLU B 158 3.66 5.66 -8.80
N PRO B 159 3.87 5.99 -7.52
CA PRO B 159 2.92 6.58 -6.58
C PRO B 159 3.03 8.10 -6.43
N VAL B 160 2.13 8.65 -5.62
CA VAL B 160 2.20 10.02 -5.16
C VAL B 160 2.10 9.97 -3.65
N THR B 161 3.08 10.54 -2.96
CA THR B 161 3.01 10.62 -1.50
C THR B 161 2.56 12.01 -1.08
N VAL B 162 1.70 12.07 -0.06
CA VAL B 162 1.13 13.32 0.42
C VAL B 162 1.27 13.45 1.94
N SER B 163 1.74 14.60 2.38
CA SER B 163 1.80 14.93 3.81
C SER B 163 1.19 16.31 4.05
N TRP B 164 0.88 16.61 5.31
CA TRP B 164 0.35 17.93 5.67
C TRP B 164 1.26 18.65 6.65
N ASN B 165 1.52 19.92 6.36
CA ASN B 165 2.42 20.78 7.15
C ASN B 165 3.80 20.16 7.42
N SER B 166 4.36 19.54 6.38
CA SER B 166 5.67 18.87 6.41
C SER B 166 5.78 17.70 7.39
N GLY B 167 4.63 17.13 7.75
CA GLY B 167 4.59 16.01 8.69
C GLY B 167 4.01 16.38 10.05
N ALA B 168 3.83 17.67 10.28
CA ALA B 168 3.32 18.16 11.56
C ALA B 168 1.82 17.88 11.78
N LEU B 169 1.10 17.59 10.70
CA LEU B 169 -0.33 17.28 10.77
C LEU B 169 -0.64 15.90 10.20
N THR B 170 -0.99 14.96 11.08
CA THR B 170 -1.23 13.58 10.68
C THR B 170 -2.62 13.07 11.07
N SER B 171 -3.05 13.38 12.28
CA SER B 171 -4.35 12.95 12.76
C SER B 171 -5.48 13.72 12.06
N GLY B 172 -6.41 12.98 11.46
CA GLY B 172 -7.49 13.56 10.68
C GLY B 172 -7.29 13.41 9.19
N VAL B 173 -6.03 13.24 8.78
CA VAL B 173 -5.65 13.13 7.37
C VAL B 173 -6.18 11.83 6.77
N HIS B 174 -6.75 11.94 5.57
CA HIS B 174 -7.12 10.77 4.78
C HIS B 174 -6.58 10.95 3.37
N THR B 175 -5.53 10.23 3.04
CA THR B 175 -5.03 10.22 1.67
C THR B 175 -5.62 9.00 0.99
N PHE B 176 -6.38 9.25 -0.09
CA PHE B 176 -7.09 8.19 -0.79
C PHE B 176 -6.21 7.47 -1.80
N PRO B 177 -6.45 6.17 -2.01
CA PRO B 177 -5.87 5.46 -3.16
C PRO B 177 -6.22 6.16 -4.47
N ALA B 178 -5.29 6.14 -5.41
CA ALA B 178 -5.49 6.78 -6.72
C ALA B 178 -6.56 6.07 -7.53
N VAL B 179 -7.20 6.82 -8.43
CA VAL B 179 -8.07 6.21 -9.44
C VAL B 179 -7.47 6.40 -10.83
N LEU B 180 -7.55 5.35 -11.64
CA LEU B 180 -7.12 5.43 -13.02
C LEU B 180 -8.27 6.01 -13.83
N GLN B 181 -8.09 7.25 -14.29
CA GLN B 181 -9.12 7.93 -15.08
C GLN B 181 -9.18 7.39 -16.50
N SER B 182 -10.31 7.63 -17.17
CA SER B 182 -10.51 7.20 -18.55
C SER B 182 -9.49 7.83 -19.51
N SER B 183 -8.81 8.88 -19.04
CA SER B 183 -7.75 9.55 -19.78
C SER B 183 -6.45 8.75 -19.78
N GLY B 184 -6.34 7.81 -18.84
CA GLY B 184 -5.13 6.99 -18.70
C GLY B 184 -4.20 7.52 -17.62
N LEU B 185 -4.53 8.71 -17.10
CA LEU B 185 -3.75 9.34 -16.04
C LEU B 185 -4.35 9.09 -14.66
N TYR B 186 -3.50 9.07 -13.64
CA TYR B 186 -3.95 8.83 -12.27
C TYR B 186 -4.37 10.13 -11.56
N SER B 187 -5.15 9.96 -10.50
CA SER B 187 -5.68 11.07 -9.72
C SER B 187 -6.13 10.61 -8.33
N LEU B 188 -5.82 11.41 -7.32
CA LEU B 188 -6.20 11.12 -5.94
C LEU B 188 -6.48 12.39 -5.16
N SER B 189 -7.15 12.24 -4.02
CA SER B 189 -7.39 13.35 -3.10
C SER B 189 -6.81 13.07 -1.73
N SER B 190 -6.36 14.14 -1.08
CA SER B 190 -5.95 14.09 0.31
C SER B 190 -6.79 15.10 1.08
N VAL B 191 -7.47 14.64 2.12
CA VAL B 191 -8.29 15.52 2.95
C VAL B 191 -7.87 15.48 4.41
N VAL B 192 -8.33 16.47 5.17
CA VAL B 192 -8.11 16.53 6.61
C VAL B 192 -9.36 17.12 7.28
N THR B 193 -9.73 16.59 8.44
CA THR B 193 -10.87 17.11 9.20
C THR B 193 -10.38 17.80 10.47
N VAL B 194 -10.47 19.12 10.48
CA VAL B 194 -10.03 19.92 11.62
C VAL B 194 -11.10 20.94 12.01
N PRO B 195 -11.69 20.79 13.22
CA PRO B 195 -12.60 21.81 13.76
C PRO B 195 -11.88 23.13 14.05
N SER B 196 -12.59 24.24 13.91
CA SER B 196 -12.02 25.57 14.14
C SER B 196 -12.55 26.20 15.42
N THR B 201 -4.30 32.46 10.51
CA THR B 201 -3.09 32.32 11.33
C THR B 201 -2.53 30.90 11.24
N GLN B 202 -3.39 29.91 11.51
CA GLN B 202 -3.00 28.52 11.48
C GLN B 202 -3.36 27.89 10.13
N THR B 203 -2.43 27.97 9.18
CA THR B 203 -2.66 27.52 7.80
C THR B 203 -2.51 26.01 7.63
N TYR B 204 -3.04 25.49 6.52
CA TYR B 204 -2.93 24.06 6.21
C TYR B 204 -2.36 23.85 4.80
N THR B 205 -1.14 23.31 4.76
CA THR B 205 -0.42 23.13 3.50
C THR B 205 -0.19 21.65 3.21
N CYS B 206 -0.71 21.17 2.09
CA CYS B 206 -0.42 19.81 1.66
C CYS B 206 0.86 19.77 0.86
N ASN B 207 1.61 18.69 1.04
CA ASN B 207 2.90 18.51 0.39
C ASN B 207 2.86 17.30 -0.51
N VAL B 208 2.93 17.54 -1.81
CA VAL B 208 2.80 16.46 -2.80
C VAL B 208 4.16 16.13 -3.40
N ASP B 209 4.47 14.83 -3.43
CA ASP B 209 5.72 14.33 -3.97
C ASP B 209 5.40 13.29 -5.04
N HIS B 210 5.79 13.60 -6.28
CA HIS B 210 5.72 12.65 -7.40
C HIS B 210 7.12 12.46 -7.98
N LYS B 211 7.77 11.38 -7.58
CA LYS B 211 9.18 11.15 -7.90
C LYS B 211 9.48 10.80 -9.38
N PRO B 212 8.63 9.99 -10.04
CA PRO B 212 8.84 9.69 -11.46
C PRO B 212 9.04 10.92 -12.35
N SER B 213 8.45 12.05 -11.97
CA SER B 213 8.60 13.30 -12.71
C SER B 213 9.42 14.33 -11.93
N ASN B 214 10.05 13.89 -10.84
CA ASN B 214 10.79 14.78 -9.93
C ASN B 214 10.02 16.07 -9.60
N THR B 215 8.75 15.90 -9.26
CA THR B 215 7.85 17.02 -9.00
C THR B 215 7.52 17.10 -7.51
N LYS B 216 7.78 18.27 -6.93
CA LYS B 216 7.45 18.53 -5.53
C LYS B 216 6.62 19.81 -5.41
N VAL B 217 5.33 19.63 -5.19
CA VAL B 217 4.38 20.75 -5.12
C VAL B 217 3.83 20.91 -3.70
N ASP B 218 3.89 22.14 -3.21
CA ASP B 218 3.22 22.49 -1.97
C ASP B 218 2.00 23.35 -2.31
N LYS B 219 0.91 23.15 -1.57
CA LYS B 219 -0.30 23.91 -1.78
C LYS B 219 -0.96 24.29 -0.45
N THR B 220 -1.01 25.58 -0.18
CA THR B 220 -1.72 26.11 0.97
C THR B 220 -3.20 26.24 0.59
N VAL B 221 -4.06 25.75 1.47
CA VAL B 221 -5.51 25.84 1.27
C VAL B 221 -6.09 26.97 2.14
N GLU B 222 -6.98 27.76 1.55
CA GLU B 222 -7.63 28.87 2.26
C GLU B 222 -9.04 29.12 1.73
N ARG C 1 24.00 -32.48 -8.04
CA ARG C 1 22.87 -32.44 -7.08
C ARG C 1 23.31 -31.79 -5.75
N LYS C 2 24.07 -30.70 -5.85
CA LYS C 2 24.69 -30.06 -4.69
C LYS C 2 23.92 -28.85 -4.18
N ARG C 3 24.04 -28.57 -2.89
CA ARG C 3 23.47 -27.37 -2.28
C ARG C 3 24.49 -26.24 -2.32
N ILE C 4 24.09 -25.09 -2.87
CA ILE C 4 24.94 -23.92 -2.92
C ILE C 4 24.45 -22.90 -1.90
N HIS C 5 25.30 -22.58 -0.92
CA HIS C 5 24.93 -21.72 0.20
C HIS C 5 25.15 -20.23 -0.09
N ILE C 6 24.06 -19.52 0.12
CA ILE C 6 24.23 -18.07 0.17
C ILE C 6 24.60 -17.64 1.60
N GLY C 7 23.92 -18.23 2.54
CA GLY C 7 24.22 -17.99 3.95
C GLY C 7 23.94 -19.22 4.79
N PRO C 8 24.04 -19.32 6.11
CA PRO C 8 23.65 -20.17 7.22
C PRO C 8 22.19 -20.63 7.12
N GLY C 9 21.99 -21.92 7.36
CA GLY C 9 20.66 -22.52 7.40
C GLY C 9 20.04 -22.75 6.04
N ARG C 10 18.79 -22.32 5.91
CA ARG C 10 17.99 -22.57 4.71
C ARG C 10 18.34 -21.63 3.55
N ALA C 11 19.34 -20.78 3.75
CA ALA C 11 19.76 -19.85 2.71
C ALA C 11 20.65 -20.55 1.69
N PHE C 12 20.05 -21.47 0.94
CA PHE C 12 20.73 -22.23 -0.10
C PHE C 12 19.77 -22.61 -1.23
N TYR C 13 20.34 -22.90 -2.41
CA TYR C 13 19.58 -23.50 -3.50
C TYR C 13 20.32 -24.74 -4.03
N THR C 14 19.57 -25.70 -4.54
CA THR C 14 20.14 -26.92 -5.11
C THR C 14 20.27 -26.79 -6.62
N THR C 15 21.33 -27.38 -7.19
CA THR C 15 21.61 -27.26 -8.62
C THR C 15 21.77 -28.60 -9.33
C1 NAG D . 29.90 -5.08 12.00
C2 NAG D . 31.09 -4.27 12.56
C3 NAG D . 32.47 -4.67 12.02
C4 NAG D . 32.56 -6.11 11.49
C5 NAG D . 31.30 -6.43 10.68
C6 NAG D . 31.36 -7.75 9.92
C7 NAG D . 30.82 -1.91 13.16
C8 NAG D . 31.88 -0.86 13.04
N2 NAG D . 30.84 -2.88 12.24
O3 NAG D . 33.43 -4.49 13.05
O4 NAG D . 33.74 -6.28 10.73
O5 NAG D . 30.23 -6.39 11.59
O6 NAG D . 30.84 -8.80 10.71
O7 NAG D . 29.98 -1.86 14.06
C1 NAG D . 34.50 -7.38 11.26
C2 NAG D . 35.64 -7.75 10.29
C3 NAG D . 36.62 -8.76 10.89
C4 NAG D . 36.97 -8.42 12.35
C5 NAG D . 35.66 -8.24 13.14
C6 NAG D . 35.86 -8.02 14.63
C7 NAG D . 35.19 -7.64 7.88
C8 NAG D . 33.97 -7.65 7.01
N2 NAG D . 35.09 -8.28 9.05
O3 NAG D . 37.79 -8.80 10.10
O4 NAG D . 37.79 -9.42 12.91
O5 NAG D . 34.98 -7.13 12.57
O6 NAG D . 36.31 -6.71 14.89
O7 NAG D . 36.21 -7.06 7.50
C1 BMA D . 39.11 -8.86 13.16
C2 BMA D . 39.71 -9.41 14.46
C3 BMA D . 41.14 -8.88 14.69
C4 BMA D . 41.99 -8.89 13.41
C5 BMA D . 41.20 -8.32 12.21
C6 BMA D . 41.98 -8.38 10.91
O2 BMA D . 39.70 -10.83 14.44
O3 BMA D . 41.79 -9.65 15.68
O4 BMA D . 43.16 -8.13 13.63
O5 BMA D . 39.99 -9.05 12.07
O6 BMA D . 41.21 -7.81 9.87
ZN ZN E . -11.53 11.51 9.22
ZN ZN F . -4.18 -30.55 6.46
CL CL G . -11.22 11.40 11.49
ZN ZN H . 31.74 -15.59 -0.10
ZN ZN I . 4.55 -9.38 -20.99
CL CL J . 5.68 -11.31 -22.27
CL CL K . 5.72 -7.25 -22.16
CL CL L . 29.37 -16.80 0.10
#